data_8PGM
#
_entry.id   8PGM
#
_cell.length_a   39.420
_cell.length_b   67.830
_cell.length_c   40.080
_cell.angle_alpha   90.000
_cell.angle_beta   93.280
_cell.angle_gamma   90.000
#
_symmetry.space_group_name_H-M   'P 1 21 1'
#
loop_
_entity.id
_entity.type
_entity.pdbx_description
1 polymer 'Beta-lactamase VIM-1'
2 non-polymer 'ZINC ION'
3 non-polymer '3-[4-[(azanyl-methyl-oxidanyl-$l^{4}-sulfanyl)methyl]-3-fluoranyl-phenyl]-7-propan-2-yl-1~{H}-indole-2-carboxylic acid'
4 non-polymer 'DIMETHYL SULFOXIDE'
5 water water
#
_entity_poly.entity_id   1
_entity_poly.type   'polypeptide(L)'
_entity_poly.pdbx_seq_one_letter_code
;MLKVISSLLVYMTASVMAVASPLAHSGEPSGEYPTVNEIPVGEVRLYQIADGVWSHIATQSFDGAVYPSNGLIVRDGDEL
LLIDTAWGAKNTAALLAEIEKQIGLPVTRAVSTHFHDDRVGGVDVLRAAGVATYASPSTRRLAEAEGNEIPTHSLEGLSS
SGDAVRFGPVELFYPGAAHSTDNLVVYVPSANVLYGGCAVHELSSTSAGNVADADLAEWPTSVERIQKHYPEAEVVIPGH
GLPGGLDLLQHTANVVKAHKNRSVAE
;
_entity_poly.pdbx_strand_id   A
#
loop_
_chem_comp.id
_chem_comp.type
_chem_comp.name
_chem_comp.formula
DMS non-polymer 'DIMETHYL SULFOXIDE' 'C2 H6 O S'
YU0 non-polymer '3-[4-[(azanyl-methyl-oxidanyl-$l^{4}-sulfanyl)methyl]-3-fluoranyl-phenyl]-7-propan-2-yl-1~{H}-indole-2-carboxylic acid' 'C20 H23 F N2 O3 S'
ZN non-polymer 'ZINC ION' 'Zn 2'
#
# COMPACT_ATOMS: atom_id res chain seq x y z
N SER A 30 2.42 -21.86 2.57
CA SER A 30 1.52 -22.63 3.45
C SER A 30 1.24 -22.01 4.82
N GLY A 31 0.87 -20.73 4.88
CA GLY A 31 0.57 -20.05 6.13
C GLY A 31 1.56 -18.96 6.54
N GLU A 32 2.82 -19.06 6.13
CA GLU A 32 3.82 -18.02 6.38
C GLU A 32 3.51 -16.82 5.48
N TYR A 33 4.05 -15.65 5.81
CA TYR A 33 3.77 -14.52 4.94
C TYR A 33 4.47 -14.73 3.59
N PRO A 34 3.78 -14.53 2.45
CA PRO A 34 4.34 -14.85 1.13
C PRO A 34 5.48 -13.92 0.78
N THR A 35 6.51 -14.48 0.13
N THR A 35 6.43 -14.51 0.06
CA THR A 35 7.71 -13.71 -0.25
CA THR A 35 7.58 -13.83 -0.45
C THR A 35 8.04 -13.96 -1.72
C THR A 35 7.71 -14.23 -1.92
N VAL A 36 9.01 -13.21 -2.24
N VAL A 36 8.66 -13.58 -2.56
CA VAL A 36 9.33 -13.29 -3.67
CA VAL A 36 8.94 -13.88 -3.95
C VAL A 36 9.66 -14.70 -4.12
C VAL A 36 9.23 -15.34 -4.19
N ASN A 37 10.24 -15.49 -3.23
N ASN A 37 9.74 -16.04 -3.19
CA ASN A 37 10.68 -16.83 -3.59
CA ASN A 37 10.10 -17.43 -3.44
C ASN A 37 9.52 -17.79 -3.71
C ASN A 37 8.91 -18.35 -3.34
N GLU A 38 8.38 -17.42 -3.15
N GLU A 38 7.76 -17.87 -2.88
CA GLU A 38 7.15 -18.14 -3.36
CA GLU A 38 6.56 -18.70 -2.80
C GLU A 38 6.25 -17.43 -4.34
C GLU A 38 5.44 -18.25 -3.73
N ILE A 39 6.64 -16.25 -4.82
N ILE A 39 5.65 -17.18 -4.50
CA ILE A 39 5.83 -15.51 -5.79
CA ILE A 39 4.63 -16.69 -5.40
C ILE A 39 6.64 -15.26 -7.06
C ILE A 39 5.01 -17.14 -6.81
N PRO A 40 6.41 -16.05 -8.09
N PRO A 40 4.24 -18.02 -7.46
CA PRO A 40 6.88 -15.67 -9.41
CA PRO A 40 4.61 -18.44 -8.81
C PRO A 40 6.23 -14.35 -9.79
C PRO A 40 4.62 -17.26 -9.76
N VAL A 41 6.92 -13.54 -10.57
N VAL A 41 5.36 -17.43 -10.84
CA VAL A 41 6.27 -12.36 -11.08
CA VAL A 41 5.57 -16.34 -11.77
C VAL A 41 5.11 -12.76 -11.98
C VAL A 41 4.24 -15.83 -12.31
N GLY A 42 3.93 -12.19 -11.71
N GLY A 42 4.08 -14.52 -12.24
CA GLY A 42 2.70 -12.48 -12.43
CA GLY A 42 2.89 -13.87 -12.73
C GLY A 42 1.61 -13.17 -11.64
C GLY A 42 1.68 -14.00 -11.83
N GLU A 43 1.92 -13.85 -10.53
N GLU A 43 1.81 -14.57 -10.63
CA GLU A 43 0.87 -14.45 -9.72
CA GLU A 43 0.66 -14.74 -9.74
C GLU A 43 0.73 -13.64 -8.45
C GLU A 43 0.70 -13.77 -8.55
N VAL A 44 -0.40 -13.79 -7.77
CA VAL A 44 -0.64 -12.99 -6.58
C VAL A 44 -1.06 -13.92 -5.47
N ARG A 45 -0.63 -13.59 -4.25
CA ARG A 45 -1.11 -14.31 -3.09
C ARG A 45 -1.80 -13.36 -2.13
N LEU A 46 -2.75 -13.91 -1.40
CA LEU A 46 -3.45 -13.18 -0.34
C LEU A 46 -3.06 -13.76 1.01
N TYR A 47 -3.11 -12.92 2.03
CA TYR A 47 -2.79 -13.32 3.40
C TYR A 47 -3.84 -12.72 4.31
N GLN A 48 -4.48 -13.57 5.10
CA GLN A 48 -5.48 -13.06 6.02
C GLN A 48 -4.83 -12.38 7.22
N ILE A 49 -5.17 -11.12 7.42
CA ILE A 49 -4.62 -10.31 8.50
C ILE A 49 -5.51 -10.34 9.71
N ALA A 50 -6.82 -10.21 9.48
CA ALA A 50 -7.81 -10.16 10.55
C ALA A 50 -9.13 -10.52 9.90
N ASP A 51 -10.20 -10.57 10.68
CA ASP A 51 -11.52 -10.81 10.09
CA ASP A 51 -11.53 -10.81 10.11
C ASP A 51 -11.85 -9.70 9.10
N GLY A 52 -12.10 -10.07 7.85
CA GLY A 52 -12.42 -9.12 6.79
C GLY A 52 -11.28 -8.24 6.35
N VAL A 53 -10.02 -8.62 6.63
CA VAL A 53 -8.87 -7.83 6.21
C VAL A 53 -7.83 -8.80 5.68
N TRP A 54 -7.37 -8.58 4.47
CA TRP A 54 -6.30 -9.34 3.84
C TRP A 54 -5.24 -8.37 3.33
N SER A 55 -4.02 -8.85 3.24
CA SER A 55 -3.07 -8.19 2.35
C SER A 55 -2.95 -9.00 1.07
N HIS A 56 -2.54 -8.32 0.02
CA HIS A 56 -2.19 -8.95 -1.24
C HIS A 56 -0.72 -8.73 -1.51
N ILE A 57 -0.09 -9.72 -2.09
CA ILE A 57 1.36 -9.71 -2.32
C ILE A 57 1.62 -10.15 -3.75
N ALA A 58 2.48 -9.42 -4.43
CA ALA A 58 2.85 -9.75 -5.78
C ALA A 58 4.31 -9.35 -5.97
N THR A 59 4.92 -9.78 -7.07
CA THR A 59 6.30 -9.43 -7.32
CA THR A 59 6.32 -9.53 -7.37
C THR A 59 6.44 -8.78 -8.69
N GLN A 60 7.42 -7.88 -8.78
CA GLN A 60 7.64 -7.17 -10.04
C GLN A 60 9.12 -6.88 -10.21
N SER A 61 9.50 -6.73 -11.47
N SER A 61 9.56 -6.78 -11.45
CA SER A 61 10.85 -6.34 -11.88
CA SER A 61 10.92 -6.37 -11.73
C SER A 61 10.88 -4.83 -12.06
C SER A 61 10.95 -4.89 -12.11
N PHE A 62 11.99 -4.21 -11.68
CA PHE A 62 12.20 -2.79 -11.88
C PHE A 62 13.69 -2.56 -11.95
N ASP A 63 14.15 -1.97 -13.04
CA ASP A 63 15.56 -1.69 -13.23
C ASP A 63 16.41 -2.95 -12.99
N GLY A 64 15.89 -4.10 -13.41
CA GLY A 64 16.73 -5.29 -13.35
C GLY A 64 16.80 -6.00 -12.02
N ALA A 65 15.96 -5.65 -11.05
CA ALA A 65 15.88 -6.38 -9.80
C ALA A 65 14.42 -6.71 -9.52
N VAL A 66 14.19 -7.72 -8.73
CA VAL A 66 12.85 -8.21 -8.39
C VAL A 66 12.52 -7.80 -6.98
N TYR A 67 11.30 -7.30 -6.77
CA TYR A 67 10.82 -6.81 -5.51
C TYR A 67 9.45 -7.36 -5.23
N PRO A 68 9.11 -7.63 -3.96
CA PRO A 68 7.73 -7.85 -3.55
C PRO A 68 7.07 -6.51 -3.27
N SER A 69 5.74 -6.51 -3.27
CA SER A 69 4.98 -5.38 -2.78
C SER A 69 3.65 -5.85 -2.25
N ASN A 70 3.13 -5.10 -1.30
CA ASN A 70 1.85 -5.35 -0.64
C ASN A 70 0.78 -4.34 -1.05
N GLY A 71 -0.46 -4.80 -0.89
CA GLY A 71 -1.62 -3.95 -0.81
C GLY A 71 -2.60 -4.51 0.19
N LEU A 72 -3.80 -3.93 0.29
CA LEU A 72 -4.77 -4.33 1.28
C LEU A 72 -6.11 -4.59 0.62
N ILE A 73 -6.91 -5.47 1.22
CA ILE A 73 -8.28 -5.76 0.84
C ILE A 73 -9.10 -5.70 2.12
N VAL A 74 -10.20 -4.93 2.12
CA VAL A 74 -11.03 -4.82 3.31
C VAL A 74 -12.49 -5.10 2.95
N ARG A 75 -13.13 -5.97 3.72
N ARG A 75 -13.11 -6.01 3.68
CA ARG A 75 -14.51 -6.33 3.44
CA ARG A 75 -14.50 -6.29 3.39
C ARG A 75 -15.45 -5.20 3.86
C ARG A 75 -15.34 -5.10 3.78
N ASP A 76 -16.33 -4.83 2.93
CA ASP A 76 -17.21 -3.64 2.96
C ASP A 76 -18.65 -4.23 2.77
N GLY A 77 -19.17 -4.90 3.79
CA GLY A 77 -20.43 -5.64 3.67
C GLY A 77 -20.33 -6.82 2.73
N ASP A 78 -21.04 -6.75 1.61
CA ASP A 78 -20.91 -7.78 0.60
C ASP A 78 -20.07 -7.31 -0.58
N GLU A 79 -19.28 -6.26 -0.41
CA GLU A 79 -18.33 -5.80 -1.42
C GLU A 79 -16.96 -5.72 -0.78
N LEU A 80 -15.96 -5.42 -1.61
CA LEU A 80 -14.59 -5.25 -1.13
C LEU A 80 -14.05 -3.90 -1.54
N LEU A 81 -13.25 -3.33 -0.65
CA LEU A 81 -12.42 -2.15 -0.89
C LEU A 81 -10.99 -2.63 -1.08
N LEU A 82 -10.38 -2.20 -2.18
CA LEU A 82 -8.98 -2.52 -2.47
C LEU A 82 -8.11 -1.31 -2.17
N ILE A 83 -6.96 -1.53 -1.51
CA ILE A 83 -5.96 -0.51 -1.35
C ILE A 83 -4.74 -0.94 -2.14
N ASP A 84 -4.41 -0.15 -3.16
CA ASP A 84 -3.23 -0.28 -4.03
C ASP A 84 -3.34 -1.42 -5.02
N THR A 85 -2.80 -1.18 -6.21
CA THR A 85 -2.72 -2.23 -7.20
C THR A 85 -1.65 -3.24 -6.82
N ALA A 86 -1.50 -4.28 -7.65
CA ALA A 86 -0.47 -5.28 -7.43
C ALA A 86 0.80 -5.02 -8.26
N TRP A 87 1.06 -3.78 -8.62
CA TRP A 87 2.27 -3.36 -9.32
C TRP A 87 2.34 -3.95 -10.73
N GLY A 88 1.50 -3.41 -11.61
CA GLY A 88 1.48 -3.76 -13.01
C GLY A 88 0.14 -4.30 -13.45
N ALA A 89 -0.10 -4.18 -14.75
CA ALA A 89 -1.38 -4.57 -15.35
C ALA A 89 -1.64 -6.06 -15.21
N LYS A 90 -0.69 -6.90 -15.61
N LYS A 90 -0.69 -6.91 -15.61
CA LYS A 90 -0.89 -8.34 -15.53
CA LYS A 90 -0.96 -8.35 -15.51
C LYS A 90 -1.02 -8.80 -14.08
C LYS A 90 -1.04 -8.79 -14.06
N ASN A 91 -0.17 -8.27 -13.19
CA ASN A 91 -0.29 -8.61 -11.78
C ASN A 91 -1.66 -8.24 -11.23
N THR A 92 -2.19 -7.07 -11.65
CA THR A 92 -3.47 -6.61 -11.11
C THR A 92 -4.62 -7.44 -11.67
N ALA A 93 -4.55 -7.86 -12.92
CA ALA A 93 -5.54 -8.83 -13.40
C ALA A 93 -5.48 -10.12 -12.60
N ALA A 94 -4.26 -10.60 -12.31
CA ALA A 94 -4.09 -11.78 -11.48
C ALA A 94 -4.63 -11.57 -10.07
N LEU A 95 -4.49 -10.36 -9.54
CA LEU A 95 -5.05 -10.04 -8.24
C LEU A 95 -6.58 -10.19 -8.25
N LEU A 96 -7.23 -9.62 -9.26
CA LEU A 96 -8.68 -9.74 -9.34
C LEU A 96 -9.10 -11.21 -9.41
N ALA A 97 -8.37 -12.02 -10.18
CA ALA A 97 -8.71 -13.43 -10.27
C ALA A 97 -8.49 -14.15 -8.93
N GLU A 98 -7.41 -13.81 -8.22
CA GLU A 98 -7.15 -14.39 -6.91
C GLU A 98 -8.22 -14.04 -5.90
N ILE A 99 -8.68 -12.78 -5.92
CA ILE A 99 -9.76 -12.37 -5.05
C ILE A 99 -11.02 -13.16 -5.35
N GLU A 100 -11.34 -13.36 -6.63
CA GLU A 100 -12.55 -14.09 -6.95
C GLU A 100 -12.45 -15.53 -6.47
N LYS A 101 -11.26 -16.12 -6.59
CA LYS A 101 -11.05 -17.50 -6.15
C LYS A 101 -11.12 -17.62 -4.62
N GLN A 102 -10.50 -16.70 -3.90
CA GLN A 102 -10.31 -16.88 -2.46
C GLN A 102 -11.41 -16.25 -1.63
N ILE A 103 -12.06 -15.19 -2.12
CA ILE A 103 -13.03 -14.41 -1.36
C ILE A 103 -14.39 -14.42 -2.02
N GLY A 104 -14.43 -14.16 -3.33
CA GLY A 104 -15.67 -14.27 -4.08
C GLY A 104 -16.65 -13.14 -3.90
N LEU A 105 -16.21 -12.00 -3.41
CA LEU A 105 -17.00 -10.79 -3.36
C LEU A 105 -16.43 -9.77 -4.31
N PRO A 106 -17.27 -8.90 -4.86
CA PRO A 106 -16.79 -7.98 -5.90
C PRO A 106 -15.97 -6.85 -5.32
N VAL A 107 -14.89 -6.49 -6.01
CA VAL A 107 -14.12 -5.29 -5.69
C VAL A 107 -14.84 -4.11 -6.33
N THR A 108 -15.38 -3.20 -5.52
CA THR A 108 -16.14 -2.09 -6.10
C THR A 108 -15.38 -0.78 -6.12
N ARG A 109 -14.39 -0.58 -5.24
CA ARG A 109 -13.64 0.66 -5.14
C ARG A 109 -12.20 0.29 -4.83
N ALA A 110 -11.27 1.18 -5.26
CA ALA A 110 -9.85 1.04 -4.95
C ALA A 110 -9.32 2.42 -4.65
N VAL A 111 -8.39 2.48 -3.67
CA VAL A 111 -7.67 3.70 -3.35
C VAL A 111 -6.20 3.39 -3.57
N SER A 112 -5.49 4.29 -4.25
CA SER A 112 -4.05 4.22 -4.37
C SER A 112 -3.41 5.23 -3.44
N THR A 113 -2.41 4.76 -2.68
CA THR A 113 -1.87 5.51 -1.55
C THR A 113 -0.69 6.39 -1.90
N HIS A 114 -0.14 6.29 -3.12
CA HIS A 114 0.71 7.33 -3.69
C HIS A 114 0.86 7.04 -5.18
N PHE A 115 1.69 7.84 -5.86
CA PHE A 115 1.66 7.86 -7.32
C PHE A 115 2.58 6.87 -8.02
N HIS A 116 3.41 6.13 -7.29
CA HIS A 116 4.34 5.20 -7.91
C HIS A 116 3.62 3.98 -8.49
N ASP A 117 4.31 3.30 -9.42
CA ASP A 117 3.71 2.17 -10.14
C ASP A 117 3.30 1.02 -9.29
N ASP A 118 3.95 0.84 -8.13
CA ASP A 118 3.51 -0.20 -7.21
C ASP A 118 2.20 0.11 -6.51
N ARG A 119 1.67 1.33 -6.73
CA ARG A 119 0.39 1.74 -6.14
C ARG A 119 -0.69 1.98 -7.19
N VAL A 120 -0.33 2.48 -8.39
CA VAL A 120 -1.26 2.82 -9.45
C VAL A 120 -1.09 1.96 -10.68
N GLY A 121 -0.03 1.21 -10.83
CA GLY A 121 0.13 0.43 -12.04
C GLY A 121 -0.81 -0.75 -12.00
N GLY A 122 -1.81 -0.72 -12.88
CA GLY A 122 -2.93 -1.62 -12.79
C GLY A 122 -4.26 -0.90 -12.66
N VAL A 123 -4.24 0.39 -12.42
CA VAL A 123 -5.47 1.17 -12.32
C VAL A 123 -6.29 1.07 -13.61
N ASP A 124 -5.64 1.00 -14.78
CA ASP A 124 -6.40 0.86 -16.03
C ASP A 124 -7.15 -0.48 -16.06
N VAL A 125 -6.48 -1.56 -15.62
CA VAL A 125 -7.13 -2.86 -15.50
C VAL A 125 -8.33 -2.77 -14.55
N LEU A 126 -8.13 -2.15 -13.39
CA LEU A 126 -9.24 -2.02 -12.43
C LEU A 126 -10.42 -1.29 -13.04
N ARG A 127 -10.14 -0.15 -13.67
N ARG A 127 -10.13 -0.16 -13.67
CA ARG A 127 -11.23 0.65 -14.21
CA ARG A 127 -11.16 0.68 -14.27
C ARG A 127 -11.96 -0.11 -15.32
C ARG A 127 -11.93 -0.08 -15.34
N ALA A 128 -11.23 -0.84 -16.18
CA ALA A 128 -11.88 -1.61 -17.24
C ALA A 128 -12.70 -2.77 -16.69
N ALA A 129 -12.39 -3.21 -15.47
CA ALA A 129 -13.17 -4.21 -14.79
C ALA A 129 -14.34 -3.60 -14.02
N GLY A 130 -14.53 -2.29 -14.09
CA GLY A 130 -15.66 -1.67 -13.43
C GLY A 130 -15.39 -1.17 -12.02
N VAL A 131 -14.15 -1.26 -11.53
CA VAL A 131 -13.79 -0.79 -10.20
C VAL A 131 -13.64 0.72 -10.25
N ALA A 132 -14.27 1.42 -9.31
CA ALA A 132 -14.07 2.85 -9.21
C ALA A 132 -12.75 3.13 -8.50
N THR A 133 -11.88 3.93 -9.11
CA THR A 133 -10.53 4.13 -8.61
C THR A 133 -10.37 5.56 -8.10
N TYR A 134 -9.72 5.68 -6.95
CA TYR A 134 -9.62 6.91 -6.21
C TYR A 134 -8.18 7.16 -5.76
N ALA A 135 -7.80 8.44 -5.64
CA ALA A 135 -6.54 8.86 -5.02
C ALA A 135 -6.65 10.36 -4.70
N SER A 136 -5.76 10.86 -3.86
CA SER A 136 -5.77 12.29 -3.59
C SER A 136 -5.49 13.08 -4.86
N PRO A 137 -5.86 14.37 -4.88
CA PRO A 137 -5.49 15.20 -6.03
C PRO A 137 -3.99 15.26 -6.19
N SER A 138 -3.23 15.23 -5.09
N SER A 138 -3.21 15.31 -5.11
CA SER A 138 -1.78 15.30 -5.17
CA SER A 138 -1.76 15.32 -5.28
C SER A 138 -1.21 14.07 -5.85
C SER A 138 -1.30 14.06 -6.00
N THR A 139 -1.77 12.90 -5.56
CA THR A 139 -1.33 11.65 -6.19
C THR A 139 -1.72 11.68 -7.67
N ARG A 140 -2.95 12.13 -7.99
CA ARG A 140 -3.38 12.17 -9.38
C ARG A 140 -2.47 13.07 -10.22
N ARG A 141 -2.10 14.26 -9.71
CA ARG A 141 -1.22 15.14 -10.45
C ARG A 141 0.15 14.52 -10.65
N LEU A 142 0.71 13.91 -9.60
CA LEU A 142 2.04 13.31 -9.71
C LEU A 142 2.04 12.13 -10.67
N ALA A 143 1.00 11.30 -10.61
CA ALA A 143 0.91 10.18 -11.53
C ALA A 143 0.86 10.66 -12.96
N GLU A 144 0.01 11.65 -13.23
CA GLU A 144 -0.11 12.14 -14.60
C GLU A 144 1.23 12.69 -15.07
N ALA A 145 1.92 13.43 -14.21
CA ALA A 145 3.20 14.02 -14.61
C ALA A 145 4.28 12.98 -14.82
N GLU A 146 4.20 11.84 -14.13
CA GLU A 146 5.17 10.75 -14.21
CA GLU A 146 5.17 10.77 -14.23
C GLU A 146 4.90 9.83 -15.39
N GLY A 147 3.73 9.94 -16.01
CA GLY A 147 3.35 8.95 -17.01
C GLY A 147 2.83 7.64 -16.45
N ASN A 148 2.35 7.66 -15.21
CA ASN A 148 1.75 6.49 -14.58
C ASN A 148 0.24 6.55 -14.73
N GLU A 149 -0.39 5.41 -14.47
CA GLU A 149 -1.84 5.35 -14.63
C GLU A 149 -2.50 6.22 -13.56
N ILE A 150 -3.67 6.78 -13.90
CA ILE A 150 -4.25 7.86 -13.13
C ILE A 150 -5.59 7.38 -12.57
N PRO A 151 -5.75 7.28 -11.27
CA PRO A 151 -7.07 7.00 -10.67
C PRO A 151 -8.11 8.03 -11.14
N THR A 152 -9.36 7.58 -11.20
CA THR A 152 -10.40 8.45 -11.75
C THR A 152 -10.84 9.57 -10.81
N HIS A 153 -11.02 9.26 -9.53
CA HIS A 153 -11.72 10.13 -8.60
C HIS A 153 -10.76 10.74 -7.58
N SER A 154 -10.91 12.02 -7.31
CA SER A 154 -10.12 12.74 -6.32
C SER A 154 -10.67 12.62 -4.93
N LEU A 155 -9.78 12.34 -3.98
CA LEU A 155 -10.08 12.29 -2.55
C LEU A 155 -9.71 13.63 -1.91
N GLU A 156 -10.73 14.46 -1.66
CA GLU A 156 -10.52 15.74 -1.02
C GLU A 156 -10.39 15.55 0.49
N GLY A 157 -10.04 16.62 1.20
CA GLY A 157 -9.97 16.55 2.64
C GLY A 157 -8.73 15.95 3.21
N LEU A 158 -7.68 15.79 2.40
CA LEU A 158 -6.46 15.13 2.80
C LEU A 158 -5.21 15.96 2.50
N SER A 159 -5.35 17.26 2.23
CA SER A 159 -4.21 18.03 1.73
C SER A 159 -3.30 18.57 2.82
N SER A 160 -3.70 18.55 4.09
N SER A 160 -3.73 18.54 4.08
CA SER A 160 -2.87 19.05 5.18
CA SER A 160 -3.01 19.11 5.21
C SER A 160 -2.47 17.90 6.09
C SER A 160 -2.54 17.96 6.09
N SER A 161 -1.17 17.80 6.42
N SER A 161 -1.31 18.06 6.60
CA SER A 161 -0.72 16.73 7.31
CA SER A 161 -0.76 17.00 7.43
C SER A 161 -1.58 16.72 8.58
C SER A 161 -1.65 16.78 8.66
N GLY A 162 -1.94 15.52 8.99
CA GLY A 162 -2.85 15.26 10.08
C GLY A 162 -4.30 15.08 9.63
N ASP A 163 -4.65 15.38 8.38
CA ASP A 163 -6.02 15.21 7.90
C ASP A 163 -6.39 13.74 7.84
N ALA A 164 -7.67 13.48 8.08
CA ALA A 164 -8.24 12.14 7.99
C ALA A 164 -9.63 12.24 7.42
N VAL A 165 -10.01 11.23 6.66
CA VAL A 165 -11.35 11.10 6.10
C VAL A 165 -11.77 9.63 6.17
N ARG A 166 -13.07 9.38 6.26
CA ARG A 166 -13.58 8.03 6.19
C ARG A 166 -13.82 7.63 4.72
N PHE A 167 -13.56 6.35 4.44
CA PHE A 167 -13.78 5.80 3.10
C PHE A 167 -14.22 4.34 3.29
N GLY A 168 -15.53 4.08 3.25
CA GLY A 168 -16.02 2.75 3.53
C GLY A 168 -15.55 2.32 4.91
N PRO A 169 -15.03 1.10 5.01
CA PRO A 169 -14.62 0.55 6.31
C PRO A 169 -13.25 1.00 6.80
N VAL A 170 -12.62 1.99 6.16
CA VAL A 170 -11.32 2.46 6.60
C VAL A 170 -11.34 3.95 6.85
N GLU A 171 -10.30 4.41 7.51
CA GLU A 171 -9.90 5.81 7.60
C GLU A 171 -8.65 6.02 6.78
N LEU A 172 -8.65 7.06 5.96
CA LEU A 172 -7.49 7.49 5.21
C LEU A 172 -6.88 8.67 5.95
N PHE A 173 -5.55 8.66 6.07
CA PHE A 173 -4.83 9.66 6.87
C PHE A 173 -3.63 10.14 6.07
N TYR A 174 -3.44 11.45 6.03
CA TYR A 174 -2.28 12.03 5.37
C TYR A 174 -1.29 12.46 6.45
N PRO A 175 -0.16 11.75 6.61
CA PRO A 175 0.74 12.04 7.73
C PRO A 175 1.70 13.15 7.45
N GLY A 176 1.79 13.64 6.22
CA GLY A 176 2.87 14.50 5.80
C GLY A 176 3.81 13.76 4.85
N ALA A 177 4.72 14.52 4.28
CA ALA A 177 5.68 13.97 3.32
C ALA A 177 6.60 12.95 3.99
N ALA A 178 6.88 11.87 3.28
CA ALA A 178 7.71 10.81 3.87
C ALA A 178 8.40 10.09 2.72
N HIS A 179 7.97 8.87 2.42
CA HIS A 179 8.43 8.17 1.22
C HIS A 179 8.16 8.97 -0.05
N SER A 180 7.04 9.66 -0.08
CA SER A 180 6.66 10.58 -1.16
C SER A 180 5.89 11.73 -0.52
N THR A 181 5.69 12.82 -1.27
N THR A 181 5.71 12.80 -1.29
CA THR A 181 4.97 13.94 -0.68
CA THR A 181 4.99 13.97 -0.77
C THR A 181 3.49 13.66 -0.52
C THR A 181 3.50 13.71 -0.62
N ASP A 182 2.96 12.70 -1.29
CA ASP A 182 1.54 12.41 -1.36
C ASP A 182 1.12 11.18 -0.55
N ASN A 183 2.04 10.48 0.11
CA ASN A 183 1.73 9.19 0.68
C ASN A 183 0.60 9.27 1.70
N LEU A 184 -0.35 8.34 1.58
CA LEU A 184 -1.45 8.16 2.52
C LEU A 184 -1.28 6.87 3.30
N VAL A 185 -1.89 6.87 4.49
N VAL A 185 -1.76 6.86 4.53
CA VAL A 185 -1.92 5.78 5.45
CA VAL A 185 -1.85 5.61 5.27
C VAL A 185 -3.37 5.36 5.61
C VAL A 185 -3.32 5.32 5.49
N VAL A 186 -3.61 4.07 5.83
CA VAL A 186 -4.97 3.54 5.91
C VAL A 186 -5.13 2.80 7.22
N TYR A 187 -6.19 3.08 7.96
CA TYR A 187 -6.43 2.39 9.22
C TYR A 187 -7.78 1.66 9.14
N VAL A 188 -7.83 0.44 9.60
CA VAL A 188 -9.04 -0.38 9.62
C VAL A 188 -9.49 -0.44 11.08
N PRO A 189 -10.45 0.42 11.50
CA PRO A 189 -10.73 0.53 12.94
C PRO A 189 -11.32 -0.75 13.51
N SER A 190 -12.05 -1.56 12.72
CA SER A 190 -12.67 -2.77 13.26
C SER A 190 -11.63 -3.79 13.72
N ALA A 191 -10.40 -3.70 13.20
CA ALA A 191 -9.36 -4.68 13.43
C ALA A 191 -8.09 -4.10 13.99
N ASN A 192 -8.04 -2.79 14.18
CA ASN A 192 -6.84 -2.07 14.57
C ASN A 192 -5.66 -2.41 13.69
N VAL A 193 -5.93 -2.43 12.37
CA VAL A 193 -4.89 -2.69 11.37
C VAL A 193 -4.44 -1.35 10.79
N LEU A 194 -3.15 -1.08 10.84
CA LEU A 194 -2.54 0.12 10.25
C LEU A 194 -1.79 -0.31 9.02
N TYR A 195 -2.24 0.11 7.85
CA TYR A 195 -1.55 -0.10 6.59
C TYR A 195 -0.73 1.14 6.30
N GLY A 196 0.58 1.02 6.51
CA GLY A 196 1.41 2.20 6.36
C GLY A 196 1.78 2.52 4.93
N GLY A 197 1.62 1.56 4.01
CA GLY A 197 2.11 1.75 2.67
C GLY A 197 3.59 2.02 2.68
N CYS A 198 4.07 2.74 1.66
CA CYS A 198 5.50 2.83 1.47
C CYS A 198 6.19 3.81 2.41
N ALA A 199 5.41 4.55 3.18
CA ALA A 199 5.95 5.32 4.30
C ALA A 199 6.45 4.47 5.48
N VAL A 200 6.18 3.17 5.47
CA VAL A 200 6.58 2.30 6.58
C VAL A 200 7.35 1.13 5.98
N HIS A 201 8.52 0.82 6.57
CA HIS A 201 9.36 -0.29 6.16
C HIS A 201 9.28 -1.45 7.13
N GLU A 202 9.55 -2.63 6.59
CA GLU A 202 9.57 -3.86 7.37
C GLU A 202 10.77 -3.91 8.31
N LEU A 203 10.62 -4.67 9.37
CA LEU A 203 11.65 -4.69 10.42
C LEU A 203 12.99 -5.20 9.94
N SER A 204 13.02 -6.13 8.99
CA SER A 204 14.29 -6.71 8.56
C SER A 204 15.09 -5.75 7.71
N SER A 205 14.49 -4.64 7.29
CA SER A 205 15.24 -3.71 6.46
C SER A 205 16.36 -3.02 7.24
N THR A 206 17.48 -2.80 6.58
N THR A 206 17.48 -2.77 6.57
CA THR A 206 18.48 -1.86 7.09
CA THR A 206 18.48 -1.83 7.09
C THR A 206 18.48 -0.56 6.30
C THR A 206 18.53 -0.54 6.29
N SER A 207 18.19 -0.62 5.00
CA SER A 207 18.10 0.53 4.12
C SER A 207 16.64 0.99 3.98
N ALA A 208 16.45 2.14 3.33
CA ALA A 208 15.20 2.88 3.28
C ALA A 208 14.50 2.81 1.92
N GLY A 209 14.77 1.75 1.16
CA GLY A 209 14.01 1.51 -0.08
C GLY A 209 14.32 2.50 -1.19
N ASN A 210 13.32 2.77 -2.01
CA ASN A 210 13.49 3.68 -3.13
C ASN A 210 13.09 5.08 -2.66
N VAL A 211 14.09 5.91 -2.42
CA VAL A 211 13.92 7.23 -1.83
C VAL A 211 13.95 8.35 -2.87
N ALA A 212 13.82 8.00 -4.15
CA ALA A 212 13.95 8.99 -5.22
C ALA A 212 13.03 10.19 -5.01
N ASP A 213 11.82 9.95 -4.50
CA ASP A 213 10.81 10.98 -4.34
C ASP A 213 10.50 11.31 -2.89
N ALA A 214 11.37 10.92 -1.96
CA ALA A 214 11.13 11.05 -0.54
C ALA A 214 11.54 12.43 0.00
N ASP A 215 11.05 12.74 1.20
CA ASP A 215 11.50 13.88 1.97
C ASP A 215 12.11 13.29 3.25
N LEU A 216 13.43 13.03 3.24
CA LEU A 216 14.03 12.31 4.36
C LEU A 216 14.00 13.13 5.65
N ALA A 217 14.08 14.45 5.52
CA ALA A 217 14.04 15.31 6.71
C ALA A 217 12.66 15.29 7.37
N GLU A 218 11.58 15.31 6.58
CA GLU A 218 10.24 15.35 7.15
C GLU A 218 9.73 13.96 7.54
N TRP A 219 10.27 12.90 6.93
CA TRP A 219 9.76 11.55 7.15
C TRP A 219 9.64 11.21 8.64
N PRO A 220 10.65 11.42 9.50
CA PRO A 220 10.45 11.06 10.92
C PRO A 220 9.32 11.82 11.57
N THR A 221 9.11 13.09 11.20
CA THR A 221 7.99 13.85 11.76
C THR A 221 6.66 13.24 11.31
N SER A 222 6.59 12.83 10.04
CA SER A 222 5.38 12.19 9.55
C SER A 222 5.12 10.86 10.25
N VAL A 223 6.17 10.07 10.50
CA VAL A 223 6.01 8.84 11.27
C VAL A 223 5.52 9.12 12.67
N GLU A 224 6.07 10.16 13.31
N GLU A 224 6.07 10.16 13.30
CA GLU A 224 5.61 10.53 14.64
CA GLU A 224 5.60 10.52 14.65
C GLU A 224 4.11 10.86 14.62
C GLU A 224 4.12 10.90 14.64
N ARG A 225 3.62 11.52 13.56
CA ARG A 225 2.19 11.82 13.47
C ARG A 225 1.38 10.53 13.39
N ILE A 226 1.86 9.55 12.61
CA ILE A 226 1.19 8.26 12.54
C ILE A 226 1.12 7.63 13.93
N GLN A 227 2.26 7.58 14.63
CA GLN A 227 2.31 6.99 15.97
C GLN A 227 1.32 7.66 16.93
N LYS A 228 1.24 8.99 16.86
CA LYS A 228 0.35 9.72 17.74
C LYS A 228 -1.12 9.46 17.41
N HIS A 229 -1.43 9.30 16.13
N HIS A 229 -1.44 9.32 16.13
CA HIS A 229 -2.82 9.16 15.72
CA HIS A 229 -2.83 9.21 15.72
C HIS A 229 -3.37 7.76 15.95
C HIS A 229 -3.38 7.78 15.81
N TYR A 230 -2.51 6.76 15.83
CA TYR A 230 -2.93 5.36 15.83
C TYR A 230 -2.16 4.57 16.88
N PRO A 231 -2.26 4.97 18.15
CA PRO A 231 -1.44 4.32 19.17
C PRO A 231 -1.94 2.96 19.53
N GLU A 232 -3.16 2.59 19.13
CA GLU A 232 -3.71 1.27 19.42
C GLU A 232 -3.56 0.29 18.25
N ALA A 233 -2.79 0.64 17.22
CA ALA A 233 -2.63 -0.29 16.12
C ALA A 233 -2.03 -1.59 16.63
N GLU A 234 -2.57 -2.70 16.17
CA GLU A 234 -2.10 -4.03 16.55
C GLU A 234 -1.28 -4.72 15.48
N VAL A 235 -1.54 -4.43 14.23
CA VAL A 235 -0.79 -4.91 13.08
C VAL A 235 -0.42 -3.68 12.27
N VAL A 236 0.82 -3.62 11.81
CA VAL A 236 1.33 -2.59 10.92
C VAL A 236 1.83 -3.29 9.67
N ILE A 237 1.33 -2.87 8.53
CA ILE A 237 1.67 -3.47 7.23
C ILE A 237 2.51 -2.48 6.45
N PRO A 238 3.71 -2.85 6.01
CA PRO A 238 4.55 -1.94 5.21
C PRO A 238 4.13 -2.05 3.73
N GLY A 239 4.63 -1.11 2.93
CA GLY A 239 4.36 -1.20 1.50
C GLY A 239 5.07 -2.33 0.80
N HIS A 240 6.19 -2.80 1.38
CA HIS A 240 6.99 -3.91 0.88
C HIS A 240 7.46 -4.69 2.10
N GLY A 241 7.26 -6.01 2.07
CA GLY A 241 7.81 -6.87 3.12
C GLY A 241 6.80 -7.30 4.16
N LEU A 242 7.31 -7.75 5.29
N LEU A 242 7.32 -7.78 5.29
CA LEU A 242 6.50 -8.51 6.25
CA LEU A 242 6.48 -8.50 6.24
C LEU A 242 5.78 -7.58 7.22
C LEU A 242 5.77 -7.56 7.21
N PRO A 243 4.49 -7.81 7.49
CA PRO A 243 3.83 -7.09 8.57
C PRO A 243 4.41 -7.41 9.93
N GLY A 244 4.20 -6.50 10.86
CA GLY A 244 4.57 -6.71 12.26
C GLY A 244 3.71 -5.87 13.13
N GLY A 245 4.27 -5.44 14.25
CA GLY A 245 3.57 -4.56 15.16
C GLY A 245 4.01 -3.11 15.07
N LEU A 246 3.67 -2.35 16.11
CA LEU A 246 4.01 -0.94 16.17
C LEU A 246 5.49 -0.66 15.98
N ASP A 247 6.37 -1.62 16.32
CA ASP A 247 7.80 -1.38 16.14
C ASP A 247 8.20 -0.95 14.74
N LEU A 248 7.42 -1.33 13.71
CA LEU A 248 7.76 -0.93 12.35
C LEU A 248 7.85 0.58 12.22
N LEU A 249 7.06 1.32 13.00
CA LEU A 249 7.09 2.78 12.90
C LEU A 249 8.43 3.36 13.35
N GLN A 250 8.84 3.05 14.58
CA GLN A 250 10.14 3.55 15.04
C GLN A 250 11.30 3.03 14.16
N HIS A 251 11.21 1.77 13.77
CA HIS A 251 12.25 1.20 12.92
C HIS A 251 12.38 2.00 11.63
N THR A 252 11.24 2.37 11.04
CA THR A 252 11.27 3.16 9.79
C THR A 252 11.95 4.49 10.02
N ALA A 253 11.59 5.18 11.10
CA ALA A 253 12.27 6.43 11.39
C ALA A 253 13.80 6.20 11.48
N ASN A 254 14.21 5.14 12.17
CA ASN A 254 15.63 4.83 12.34
C ASN A 254 16.31 4.59 11.00
N VAL A 255 15.71 3.77 10.13
CA VAL A 255 16.38 3.50 8.86
C VAL A 255 16.46 4.76 8.00
N VAL A 256 15.44 5.59 8.05
CA VAL A 256 15.44 6.79 7.23
C VAL A 256 16.53 7.73 7.72
N LYS A 257 16.66 7.87 9.06
CA LYS A 257 17.72 8.71 9.62
C LYS A 257 19.10 8.16 9.26
N ALA A 258 19.27 6.83 9.26
CA ALA A 258 20.58 6.26 8.91
C ALA A 258 20.92 6.52 7.45
N HIS A 259 19.90 6.47 6.59
CA HIS A 259 20.11 6.84 5.19
C HIS A 259 20.55 8.30 5.09
N LYS A 260 19.73 9.21 5.63
CA LYS A 260 20.03 10.64 5.56
C LYS A 260 21.45 10.92 6.02
N ASN A 261 21.88 10.25 7.09
CA ASN A 261 23.28 10.28 7.53
C ASN A 261 24.12 9.42 6.54
ZN ZN B . 6.70 4.63 -3.80
ZN ZN C . 6.77 1.30 -2.59
C11 YU0 D . 11.07 0.20 -3.53
C11 YU0 D . 11.08 0.18 -3.53
C12 YU0 D . 11.92 -0.66 -2.59
C12 YU0 D . 11.97 -0.63 -2.60
C13 YU0 D . 11.28 -1.25 -1.50
C13 YU0 D . 13.32 -0.82 -2.83
C14 YU0 D . 12.00 -2.07 -0.64
C14 YU0 D . 14.06 -1.60 -1.92
C15 YU0 D . 13.34 -2.34 -0.84
C15 YU0 D . 13.45 -2.17 -0.79
C16 YU0 D . 14.11 -3.28 0.13
C16 YU0 D . 14.27 -3.04 0.21
C24 YU0 D . 11.05 0.09 -4.94
C24 YU0 D . 11.12 0.19 -4.95
C25 YU0 D . 11.75 -0.71 -5.87
C25 YU0 D . 11.94 -0.47 -5.90
C26 YU0 D . 11.46 -0.55 -7.23
C26 YU0 D . 11.71 -0.22 -7.25
C27 YU0 D . 10.52 0.40 -7.68
C27 YU0 D . 10.69 0.66 -7.69
C01 YU0 D . 7.87 1.64 -8.34
C01 YU0 D . 7.93 1.57 -8.37
C02 YU0 D . 8.76 2.23 -7.21
C02 YU0 D . 8.71 2.22 -7.21
C03 YU0 D . 9.38 3.58 -7.61
C03 YU0 D . 9.27 3.61 -7.55
C04 YU0 D . 9.82 1.18 -6.77
C04 YU0 D . 9.85 1.27 -6.75
C05 YU0 D . 10.10 1.01 -5.39
C05 YU0 D . 10.09 1.03 -5.38
C07 YU0 D . 10.15 1.17 -3.22
C07 YU0 D . 10.06 1.04 -3.18
C08 YU0 D . 9.79 1.73 -1.87
C08 YU0 D . 9.60 1.42 -1.81
C18 YU0 D . 13.74 -1.38 2.36
C18 YU0 D . 13.61 -1.19 2.32
C21 YU0 D . 13.95 -1.74 -1.95
C21 YU0 D . 12.10 -1.93 -0.57
C23 YU0 D . 13.26 -0.90 -2.82
C23 YU0 D . 11.36 -1.17 -1.48
F22 YU0 D . 15.28 -1.96 -2.19
F22 YU0 D . 11.44 -2.47 0.51
N06 YU0 D . 9.59 1.63 -4.34
N06 YU0 D . 9.47 1.51 -4.29
N19 YU0 D . 15.84 -3.32 2.23
N19 YU0 D . 15.80 -2.80 2.57
O09 YU0 D . 8.60 2.05 -1.61
O09 YU0 D . 8.40 1.57 -1.59
O10 YU0 D . 10.76 1.93 -1.08
O10 YU0 D . 10.52 1.67 -0.96
O20 YU0 D . 15.95 -1.30 1.01
O20 YU0 D . 15.74 -0.80 1.11
S17 YU0 D . 14.98 -2.34 1.41
S17 YU0 D . 15.01 -2.01 1.52
H131 YU0 D . 10.22 -1.07 -1.34
H131 YU0 D . 13.79 -0.39 -3.71
H141 YU0 D . 11.49 -2.52 0.23
H141 YU0 D . 15.12 -1.76 -2.10
H162 YU0 D . 13.40 -3.95 0.61
H162 YU0 D . 13.61 -3.77 0.67
H161 YU0 D . 14.83 -3.86 -0.43
H161 YU0 D . 15.06 -3.55 -0.33
H251 YU0 D . 12.49 -1.44 -5.54
H251 YU0 D . 12.73 -1.14 -5.59
H261 YU0 D . 11.98 -1.17 -7.96
H261 YU0 D . 12.33 -0.71 -7.99
H271 YU0 D . 10.34 0.52 -8.75
H271 YU0 D . 10.56 0.86 -8.75
H012 YU0 D . 7.37 0.74 -7.97
H012 YU0 D . 7.48 0.64 -8.04
H013 YU0 D . 8.50 1.39 -9.19
H013 YU0 D . 8.60 1.37 -9.20
H011 YU0 D . 7.12 2.37 -8.64
H011 YU0 D . 7.14 2.25 -8.70
H021 YU0 D . 8.13 2.44 -6.35
H021 YU0 D . 8.01 2.38 -6.39
H033 YU0 D . 10.30 3.41 -8.17
H033 YU0 D . 10.21 3.50 -8.09
H032 YU0 D . 9.61 4.15 -6.71
H032 YU0 D . 9.45 4.17 -6.64
H031 YU0 D . 8.68 4.14 -8.22
H031 YU0 D . 8.56 4.14 -8.18
H182 YU0 D . 14.26 -0.68 3.01
H182 YU0 D . 12.93 -1.94 2.74
H183 YU0 D . 13.13 -2.05 2.95
H183 YU0 D . 13.07 -0.59 1.59
H181 YU0 D . 13.11 -0.82 1.67
H181 YU0 D . 13.97 -0.55 3.12
H231 YU0 D . 13.76 -0.45 -3.68
H231 YU0 D . 10.29 -1.01 -1.31
H061 YU0 D . 8.89 2.35 -4.38
H061 YU0 D . 8.69 2.14 -4.31
H191 YU0 D . 15.44 -3.81 3.00
H191 YU0 D . 15.76 -3.80 2.55
S DMS E . 15.50 1.19 -5.42
O DMS E . 16.30 0.25 -4.61
C1 DMS E . 15.43 0.69 -7.16
C2 DMS E . 16.28 2.82 -5.65
H11 DMS E . 15.07 -0.30 -7.23
H12 DMS E . 16.40 0.75 -7.59
H13 DMS E . 14.78 1.34 -7.69
H21 DMS E . 17.11 2.73 -6.30
H22 DMS E . 16.60 3.19 -4.71
H23 DMS E . 15.59 3.50 -6.08
#